data_5N1Z
#
_entry.id   5N1Z
#
_cell.length_a   30.890
_cell.length_b   71.890
_cell.length_c   54.950
_cell.angle_alpha   90.00
_cell.angle_beta   105.92
_cell.angle_gamma   90.00
#
_symmetry.space_group_name_H-M   'C 1 2 1'
#
loop_
_entity.id
_entity.type
_entity.pdbx_description
1 polymer 'B-cell lymphoma 6 protein'
2 non-polymer 'CHLORIDE ION'
3 non-polymer 'pyrazolo-pyrimidine macrocycle'
4 water water
#
_entity_poly.entity_id   1
_entity_poly.type   'polypeptide(L)'
_entity_poly.pdbx_seq_one_letter_code
;DSQIQFTRHASDVLLNLNRLRSRDILTDVVIVVSREQFRAHKTVLMACSGLFYSIFTDQLKRNLSVINLDPEINPEGFNI
LLDFMYTSRLNLREGNIMAVMATAMYLQMEHVVDTCRKFIKAS
;
_entity_poly.pdbx_strand_id   A
#
loop_
_chem_comp.id
_chem_comp.type
_chem_comp.name
_chem_comp.formula
8GQ non-polymer 'pyrazolo-pyrimidine macrocycle' 'C25 H25 N7 O4'
CL non-polymer 'CHLORIDE ION' 'Cl -1'
#
# COMPACT_ATOMS: atom_id res chain seq x y z
N ASP A 1 -22.73 1.84 -18.05
CA ASP A 1 -24.12 2.29 -18.13
C ASP A 1 -24.24 3.68 -18.77
N SER A 2 -25.47 4.25 -18.82
CA SER A 2 -25.83 5.54 -19.42
C SER A 2 -24.96 6.74 -19.00
N GLN A 3 -24.37 6.68 -17.79
CA GLN A 3 -23.57 7.74 -17.19
C GLN A 3 -22.30 8.11 -17.95
N ILE A 4 -21.91 9.39 -17.87
CA ILE A 4 -20.73 9.95 -18.52
C ILE A 4 -19.48 9.52 -17.75
N GLN A 5 -18.54 8.91 -18.46
CA GLN A 5 -17.27 8.44 -17.89
C GLN A 5 -16.16 9.50 -17.92
N PHE A 6 -15.56 9.75 -16.75
CA PHE A 6 -14.42 10.63 -16.56
C PHE A 6 -13.22 9.70 -16.37
N THR A 7 -12.45 9.48 -17.46
CA THR A 7 -11.31 8.57 -17.51
C THR A 7 -10.11 9.01 -16.65
N ARG A 8 -10.07 10.29 -16.27
CA ARG A 8 -8.98 10.88 -15.48
C ARG A 8 -9.35 11.06 -14.00
N HIS A 9 -10.64 10.91 -13.66
CA HIS A 9 -11.11 11.16 -12.30
C HIS A 9 -10.46 10.28 -11.23
N ALA A 10 -10.37 8.95 -11.46
CA ALA A 10 -9.80 8.02 -10.48
C ALA A 10 -8.33 8.34 -10.17
N SER A 11 -7.52 8.64 -11.21
CA SER A 11 -6.11 9.02 -11.01
C SER A 11 -6.01 10.41 -10.33
N ASP A 12 -6.95 11.35 -10.62
CA ASP A 12 -6.91 12.67 -9.99
C ASP A 12 -7.22 12.55 -8.48
N VAL A 13 -8.19 11.70 -8.09
CA VAL A 13 -8.55 11.42 -6.68
C VAL A 13 -7.31 10.86 -5.96
N LEU A 14 -6.66 9.84 -6.55
CA LEU A 14 -5.47 9.20 -5.98
C LEU A 14 -4.35 10.23 -5.78
N LEU A 15 -4.14 11.10 -6.78
CA LEU A 15 -3.12 12.15 -6.70
C LEU A 15 -3.37 13.03 -5.45
N ASN A 16 -4.64 13.40 -5.23
CA ASN A 16 -5.03 14.23 -4.08
C ASN A 16 -4.97 13.47 -2.77
N LEU A 17 -5.23 12.15 -2.80
CA LEU A 17 -5.05 11.31 -1.62
C LEU A 17 -3.57 11.25 -1.25
N ASN A 18 -2.69 11.15 -2.25
CA ASN A 18 -1.23 11.21 -2.01
C ASN A 18 -0.78 12.53 -1.43
N ARG A 19 -1.38 13.65 -1.89
CA ARG A 19 -1.02 14.97 -1.38
C ARG A 19 -1.42 15.03 0.10
N LEU A 20 -2.64 14.51 0.47
CA LEU A 20 -3.10 14.51 1.87
C LEU A 20 -2.11 13.80 2.77
N ARG A 21 -1.63 12.63 2.29
CA ARG A 21 -0.63 11.86 2.99
C ARG A 21 0.69 12.65 3.13
N SER A 22 1.14 13.33 2.04
CA SER A 22 2.38 14.12 2.10
C SER A 22 2.20 15.34 2.99
N ARG A 23 0.94 15.77 3.18
CA ARG A 23 0.67 16.92 4.04
C ARG A 23 0.20 16.53 5.42
N ASP A 24 0.21 15.22 5.73
CA ASP A 24 -0.25 14.62 7.00
C ASP A 24 -1.68 15.10 7.37
N ILE A 25 -2.55 15.19 6.35
CA ILE A 25 -3.92 15.63 6.53
C ILE A 25 -4.87 14.46 6.51
N LEU A 26 -5.61 14.32 7.63
CA LEU A 26 -6.62 13.30 7.89
C LEU A 26 -6.05 11.88 7.88
N THR A 27 -4.71 11.75 8.08
CA THR A 27 -4.10 10.41 8.26
C THR A 27 -4.58 9.93 9.64
N ASP A 28 -4.84 8.63 9.79
CA ASP A 28 -5.45 8.08 11.00
C ASP A 28 -4.79 6.83 11.51
N VAL A 29 -3.63 6.53 10.97
CA VAL A 29 -2.91 5.34 11.38
C VAL A 29 -1.42 5.56 11.14
N VAL A 30 -0.64 4.98 12.02
CA VAL A 30 0.82 4.90 11.90
C VAL A 30 1.17 3.41 11.75
N ILE A 31 1.90 3.07 10.68
CA ILE A 31 2.37 1.71 10.43
C ILE A 31 3.83 1.68 10.86
N VAL A 32 4.15 0.86 11.86
CA VAL A 32 5.50 0.75 12.41
C VAL A 32 6.13 -0.47 11.76
N VAL A 33 7.26 -0.26 11.08
CA VAL A 33 8.01 -1.31 10.38
C VAL A 33 9.45 -1.18 10.91
N SER A 34 9.78 -2.01 11.93
CA SER A 34 11.05 -2.03 12.64
C SER A 34 11.37 -0.64 13.21
N ARG A 35 12.50 0.00 12.82
CA ARG A 35 12.92 1.31 13.33
C ARG A 35 12.32 2.50 12.55
N GLU A 36 11.32 2.25 11.68
CA GLU A 36 10.66 3.29 10.87
C GLU A 36 9.12 3.33 11.08
N GLN A 37 8.51 4.50 10.84
CA GLN A 37 7.07 4.72 10.98
C GLN A 37 6.56 5.33 9.68
N PHE A 38 5.29 5.07 9.32
CA PHE A 38 4.69 5.60 8.10
C PHE A 38 3.27 5.98 8.42
N ARG A 39 2.89 7.26 8.21
CA ARG A 39 1.50 7.65 8.45
C ARG A 39 0.69 7.40 7.16
N ALA A 40 -0.58 7.02 7.28
CA ALA A 40 -1.40 6.71 6.10
C ALA A 40 -2.84 6.86 6.47
N HIS A 41 -3.72 6.65 5.48
CA HIS A 41 -5.16 6.67 5.63
C HIS A 41 -5.62 5.23 5.62
N LYS A 42 -6.37 4.78 6.66
CA LYS A 42 -6.83 3.40 6.72
C LYS A 42 -7.66 3.01 5.49
N THR A 43 -8.46 3.94 4.96
CA THR A 43 -9.33 3.65 3.80
C THR A 43 -8.48 3.24 2.58
N VAL A 44 -7.33 3.89 2.36
CA VAL A 44 -6.44 3.59 1.24
C VAL A 44 -5.79 2.23 1.49
N LEU A 45 -5.28 2.03 2.72
CA LEU A 45 -4.62 0.80 3.09
C LEU A 45 -5.54 -0.38 2.85
N MET A 46 -6.82 -0.30 3.32
CA MET A 46 -7.81 -1.35 3.09
C MET A 46 -8.00 -1.58 1.61
N ALA A 47 -8.15 -0.50 0.84
CA ALA A 47 -8.42 -0.54 -0.61
C ALA A 47 -7.35 -1.24 -1.43
N CYS A 48 -6.11 -1.28 -0.90
CA CYS A 48 -4.95 -1.84 -1.59
C CYS A 48 -4.40 -3.11 -1.00
N SER A 49 -4.86 -3.52 0.19
CA SER A 49 -4.20 -4.64 0.84
C SER A 49 -5.18 -5.55 1.52
N GLY A 50 -5.06 -6.83 1.23
CA GLY A 50 -5.85 -7.88 1.88
C GLY A 50 -5.57 -7.91 3.37
N LEU A 51 -4.30 -7.69 3.78
CA LEU A 51 -3.90 -7.67 5.19
C LEU A 51 -4.60 -6.55 5.92
N PHE A 52 -4.55 -5.33 5.36
CA PHE A 52 -5.17 -4.17 6.02
C PHE A 52 -6.67 -4.20 5.92
N TYR A 53 -7.21 -4.72 4.78
CA TYR A 53 -8.64 -4.94 4.66
C TYR A 53 -9.13 -5.81 5.84
N SER A 54 -8.52 -6.99 6.05
CA SER A 54 -8.89 -7.95 7.11
C SER A 54 -8.74 -7.38 8.55
N ILE A 55 -7.81 -6.43 8.74
CA ILE A 55 -7.60 -5.77 10.03
C ILE A 55 -8.74 -4.80 10.28
N PHE A 56 -8.80 -3.72 9.48
CA PHE A 56 -9.74 -2.62 9.69
C PHE A 56 -11.22 -2.95 9.45
N THR A 57 -11.59 -3.98 8.65
CA THR A 57 -13.03 -4.27 8.48
C THR A 57 -13.62 -4.90 9.75
N ASP A 58 -12.75 -5.47 10.61
CA ASP A 58 -13.15 -6.10 11.87
C ASP A 58 -13.37 -4.98 12.91
N GLN A 59 -14.61 -4.89 13.45
CA GLN A 59 -14.99 -3.87 14.43
C GLN A 59 -14.06 -3.83 15.65
N LEU A 60 -13.49 -4.98 16.00
CA LEU A 60 -12.55 -5.14 17.11
C LEU A 60 -11.22 -4.40 16.87
N LYS A 61 -10.78 -4.25 15.59
CA LYS A 61 -9.48 -3.62 15.26
C LYS A 61 -9.60 -2.30 14.46
N ARG A 62 -10.82 -1.94 14.09
CA ARG A 62 -11.12 -0.77 13.25
C ARG A 62 -10.58 0.55 13.78
N ASN A 63 -10.66 0.77 15.09
CA ASN A 63 -10.25 2.05 15.66
C ASN A 63 -8.77 2.11 16.10
N LEU A 64 -7.96 1.08 15.73
CA LEU A 64 -6.53 1.08 16.06
C LEU A 64 -5.83 2.28 15.44
N SER A 65 -4.94 2.95 16.21
CA SER A 65 -4.22 4.13 15.72
C SER A 65 -2.78 3.78 15.28
N VAL A 66 -2.30 2.57 15.67
CA VAL A 66 -0.96 2.05 15.42
C VAL A 66 -1.04 0.59 15.01
N ILE A 67 -0.33 0.21 13.94
CA ILE A 67 -0.19 -1.17 13.49
C ILE A 67 1.30 -1.47 13.49
N ASN A 68 1.70 -2.55 14.19
CA ASN A 68 3.09 -2.95 14.17
C ASN A 68 3.19 -4.16 13.24
N LEU A 69 3.88 -4.01 12.09
CA LEU A 69 4.05 -5.12 11.14
C LEU A 69 4.99 -6.17 11.72
N ASP A 70 4.96 -7.41 11.20
CA ASP A 70 5.85 -8.47 11.73
C ASP A 70 7.34 -8.01 11.65
N PRO A 71 8.17 -8.31 12.70
CA PRO A 71 9.54 -7.77 12.72
C PRO A 71 10.44 -8.08 11.52
N GLU A 72 10.07 -9.05 10.68
CA GLU A 72 10.88 -9.41 9.51
C GLU A 72 10.49 -8.64 8.24
N ILE A 73 9.47 -7.77 8.30
CA ILE A 73 9.10 -6.95 7.15
C ILE A 73 10.11 -5.82 7.02
N ASN A 74 10.72 -5.72 5.83
CA ASN A 74 11.73 -4.71 5.57
C ASN A 74 11.08 -3.35 5.25
N PRO A 75 11.58 -2.25 5.88
CA PRO A 75 10.97 -0.93 5.65
C PRO A 75 11.03 -0.47 4.20
N GLU A 76 12.11 -0.85 3.47
CA GLU A 76 12.32 -0.51 2.07
C GLU A 76 11.11 -1.01 1.26
N GLY A 77 10.86 -2.32 1.33
CA GLY A 77 9.77 -2.96 0.62
C GLY A 77 8.41 -2.39 0.97
N PHE A 78 8.18 -2.10 2.28
CA PHE A 78 6.91 -1.51 2.74
C PHE A 78 6.76 -0.13 2.10
N ASN A 79 7.81 0.70 2.14
CA ASN A 79 7.81 2.05 1.55
C ASN A 79 7.44 2.02 0.06
N ILE A 80 8.00 1.07 -0.70
CA ILE A 80 7.80 0.92 -2.15
C ILE A 80 6.31 0.63 -2.43
N LEU A 81 5.71 -0.25 -1.64
CA LEU A 81 4.30 -0.68 -1.75
C LEU A 81 3.31 0.39 -1.27
N LEU A 82 3.67 1.15 -0.23
CA LEU A 82 2.85 2.27 0.24
C LEU A 82 2.81 3.35 -0.84
N ASP A 83 3.95 3.69 -1.44
CA ASP A 83 4.02 4.64 -2.56
C ASP A 83 3.14 4.15 -3.71
N PHE A 84 3.22 2.84 -4.02
CA PHE A 84 2.44 2.21 -5.09
C PHE A 84 0.96 2.38 -4.82
N MET A 85 0.54 2.12 -3.57
CA MET A 85 -0.85 2.22 -3.14
C MET A 85 -1.38 3.61 -3.52
N TYR A 86 -0.61 4.64 -3.21
CA TYR A 86 -1.02 6.03 -3.41
C TYR A 86 -0.68 6.65 -4.78
N THR A 87 -0.03 5.89 -5.69
CA THR A 87 0.41 6.46 -6.98
C THR A 87 0.08 5.62 -8.21
N SER A 88 -0.10 4.28 -8.07
CA SER A 88 -0.28 3.28 -9.17
C SER A 88 1.08 2.97 -9.85
N ARG A 89 2.18 3.48 -9.27
CA ARG A 89 3.53 3.29 -9.79
C ARG A 89 4.34 2.38 -8.88
N LEU A 90 4.84 1.29 -9.44
CA LEU A 90 5.60 0.29 -8.71
C LEU A 90 7.09 0.34 -9.09
N ASN A 91 7.95 0.73 -8.13
CA ASN A 91 9.42 0.82 -8.30
C ASN A 91 10.11 -0.53 -8.09
N LEU A 92 9.99 -1.43 -9.07
CA LEU A 92 10.69 -2.71 -9.02
C LEU A 92 12.06 -2.57 -9.67
N ARG A 93 13.11 -3.05 -8.99
CA ARG A 93 14.50 -3.07 -9.47
C ARG A 93 15.14 -4.40 -9.09
N GLU A 94 16.40 -4.63 -9.47
CA GLU A 94 17.12 -5.87 -9.14
C GLU A 94 17.47 -5.98 -7.64
N GLY A 95 17.82 -4.85 -7.03
CA GLY A 95 18.22 -4.76 -5.63
C GLY A 95 17.11 -4.82 -4.60
N ASN A 96 15.84 -4.69 -5.03
CA ASN A 96 14.68 -4.69 -4.13
C ASN A 96 13.61 -5.77 -4.41
N ILE A 97 13.63 -6.37 -5.63
CA ILE A 97 12.64 -7.36 -6.12
C ILE A 97 12.21 -8.39 -5.06
N MET A 98 13.18 -9.08 -4.45
CA MET A 98 12.88 -10.09 -3.44
C MET A 98 12.17 -9.49 -2.23
N ALA A 99 12.67 -8.34 -1.72
CA ALA A 99 12.07 -7.63 -0.59
C ALA A 99 10.65 -7.18 -0.88
N VAL A 100 10.40 -6.61 -2.08
CA VAL A 100 9.08 -6.13 -2.52
C VAL A 100 8.07 -7.29 -2.64
N MET A 101 8.44 -8.39 -3.35
CA MET A 101 7.59 -9.55 -3.56
C MET A 101 7.17 -10.14 -2.21
N ALA A 102 8.15 -10.33 -1.31
CA ALA A 102 7.94 -10.88 0.05
C ALA A 102 7.04 -9.98 0.86
N THR A 103 7.18 -8.64 0.72
CA THR A 103 6.34 -7.68 1.43
C THR A 103 4.90 -7.66 0.85
N ALA A 104 4.76 -7.76 -0.50
CA ALA A 104 3.45 -7.82 -1.18
C ALA A 104 2.68 -9.07 -0.80
N MET A 105 3.39 -10.21 -0.60
CA MET A 105 2.78 -11.47 -0.19
C MET A 105 2.21 -11.30 1.22
N TYR A 106 3.03 -10.70 2.12
CA TYR A 106 2.61 -10.42 3.48
C TYR A 106 1.43 -9.44 3.49
N LEU A 107 1.49 -8.38 2.67
CA LEU A 107 0.41 -7.41 2.63
C LEU A 107 -0.81 -7.93 1.86
N GLN A 108 -0.70 -9.10 1.19
CA GLN A 108 -1.78 -9.70 0.37
C GLN A 108 -2.19 -8.70 -0.75
N MET A 109 -1.25 -8.50 -1.66
CA MET A 109 -1.37 -7.63 -2.83
C MET A 109 -1.11 -8.52 -4.08
N GLU A 110 -2.13 -9.33 -4.47
CA GLU A 110 -2.04 -10.36 -5.51
C GLU A 110 -1.53 -9.88 -6.87
N HIS A 111 -1.98 -8.70 -7.34
CA HIS A 111 -1.58 -8.12 -8.63
C HIS A 111 -0.11 -7.77 -8.60
N VAL A 112 0.37 -7.16 -7.49
CA VAL A 112 1.79 -6.83 -7.31
C VAL A 112 2.63 -8.14 -7.25
N VAL A 113 2.17 -9.14 -6.48
CA VAL A 113 2.86 -10.44 -6.36
C VAL A 113 3.07 -11.06 -7.76
N ASP A 114 1.97 -11.21 -8.53
CA ASP A 114 1.99 -11.72 -9.90
C ASP A 114 2.87 -10.89 -10.87
N THR A 115 2.99 -9.54 -10.66
CA THR A 115 3.82 -8.62 -11.43
C THR A 115 5.29 -8.84 -11.09
N CYS A 116 5.59 -9.08 -9.80
CA CYS A 116 6.93 -9.38 -9.30
C CYS A 116 7.39 -10.70 -9.97
N ARG A 117 6.45 -11.63 -10.22
CA ARG A 117 6.66 -12.93 -10.88
C ARG A 117 6.95 -12.76 -12.38
N LYS A 118 6.17 -11.90 -13.07
CA LYS A 118 6.37 -11.59 -14.49
C LYS A 118 7.76 -10.95 -14.67
N PHE A 119 8.20 -10.14 -13.68
CA PHE A 119 9.50 -9.47 -13.66
C PHE A 119 10.66 -10.48 -13.61
N ILE A 120 10.57 -11.49 -12.71
CA ILE A 120 11.58 -12.56 -12.60
C ILE A 120 11.63 -13.38 -13.91
N LYS A 121 10.45 -13.68 -14.48
CA LYS A 121 10.26 -14.42 -15.73
C LYS A 121 10.87 -13.67 -16.93
N ALA A 122 10.83 -12.31 -16.93
CA ALA A 122 11.34 -11.44 -18.00
C ALA A 122 12.85 -11.17 -17.93
N SER A 123 13.42 -10.71 -19.08
CA SER A 123 14.84 -10.39 -19.34
C SER A 123 15.87 -11.43 -18.86
CL CL B . -2.45 -5.95 -5.82
C1 8GQ C . -8.75 -5.48 -0.74
C2 8GQ C . -8.88 -6.74 -0.15
C3 8GQ C . -8.12 -7.80 -0.62
N6 8GQ C . -9.62 -4.42 -0.40
C7 8GQ C . -4.96 -7.16 -3.39
C8 8GQ C . -5.27 -8.53 -2.87
C9 8GQ C . -9.17 -9.42 0.85
C10 8GQ C . -10.43 -9.85 0.16
C11 8GQ C . -11.66 -9.83 0.66
C12 8GQ C . -12.88 -10.39 -0.01
C13 8GQ C . -14.13 -8.95 -1.57
C14 8GQ C . -15.48 -8.26 -1.73
C15 8GQ C . -15.24 -6.86 -1.11
C16 8GQ C . -13.14 -7.84 -1.90
C19 8GQ C . -11.00 -4.43 -0.43
C20 8GQ C . -13.09 -3.60 0.32
C21 8GQ C . -13.55 -2.48 1.01
C22 8GQ C . -12.41 -1.71 1.26
C24 8GQ C . -15.82 -6.72 0.28
N5 8GQ C . -15.99 -1.98 1.69
C23 8GQ C . -14.91 -2.20 1.40
N4 8GQ C . -11.27 -2.31 0.82
N2 8GQ C . -11.72 -3.46 0.19
C18 8GQ C . -11.70 -5.49 -0.99
N3 8GQ C . -13.79 -4.59 -0.23
C17 8GQ C . -13.08 -5.59 -0.81
N1 8GQ C . -13.78 -6.68 -1.28
O3 8GQ C . -16.15 -5.37 0.60
O2 8GQ C . -13.93 -9.41 -0.22
O1 8GQ C . -8.14 -9.07 -0.09
C4 8GQ C . -7.15 -7.59 -1.63
N 8GQ C . -6.31 -8.63 -2.02
O 8GQ C . -4.56 -9.49 -3.14
C6 8GQ C . -6.05 -6.11 -3.33
C5 8GQ C . -7.01 -6.32 -2.19
C 8GQ C . -7.85 -5.28 -1.77
#